data_1Y2A
#
_entry.id   1Y2A
#
_cell.length_a   78.239
_cell.length_b   91.10
_cell.length_c   97.247
_cell.angle_alpha   90
_cell.angle_beta   90
_cell.angle_gamma   90
#
_symmetry.space_group_name_H-M   'P 21 21 21'
#
loop_
_entity.id
_entity.type
_entity.pdbx_description
1 polymer 'Importin alpha-2 Subunit'
2 polymer 'decamer fragment of Phospholipid scramblase 1'
3 water water
#
loop_
_entity_poly.entity_id
_entity_poly.type
_entity_poly.pdbx_seq_one_letter_code
_entity_poly.pdbx_strand_id
1 'polypeptide(L)'
;NQGTVNWSVEDIVKGINSNNLESQLQATQAARKLLSREKQPPIDNIIRAGLIPKFVSFLGKTDCSPIQFESAWALTNIAS
GTSEQTKAVVDGGAIPAFISLLASPHAHISEQAVWALGNIAGDGSAFRDLVIKHGAIDPLLALLAVPDLSTLACGYLRNL
TWTLSNLCRNKNPAPPLDAVEQILPTLVRLLHHNDPEVLADSCWAISYLTDGPNERIEMVVKKGVVPQLVKLLGATELPI
VTPALRAIGNIVTGTDEQTQKVIDAGALAVFPSLLTNPKTNIQKEATWTMSNITAGRQDQIQQVVNHGLVPFLVGVLSKA
DFKTQKEAAWAITNYTSGGTVEQIVYLVHCGIIEPLMNLLSAKDTKIIQVILDAISNIFQAAEKLGETEKLSIMIEECGG
LDKIEALQRHENESVYKASLNLIEKYFS
;
C
2 'polypeptide(L)' GKISKHWTGI P
#
# COMPACT_ATOMS: atom_id res chain seq x y z
N ASN A 6 -10.50 31.04 -23.50
CA ASN A 6 -9.85 30.95 -22.16
C ASN A 6 -9.63 32.33 -21.56
N TRP A 7 -10.54 32.71 -20.67
CA TRP A 7 -10.51 34.00 -20.00
C TRP A 7 -9.26 34.16 -19.17
N SER A 8 -9.02 35.42 -18.77
CA SER A 8 -7.89 35.76 -17.92
C SER A 8 -8.46 35.74 -16.52
N VAL A 9 -7.60 35.55 -15.52
CA VAL A 9 -8.08 35.52 -14.15
C VAL A 9 -8.79 36.83 -13.83
N GLU A 10 -8.26 37.93 -14.38
CA GLU A 10 -8.85 39.25 -14.13
C GLU A 10 -10.30 39.28 -14.57
N ASP A 11 -10.58 38.78 -15.78
CA ASP A 11 -11.95 38.76 -16.26
C ASP A 11 -12.83 37.84 -15.43
N ILE A 12 -12.27 36.73 -14.94
CA ILE A 12 -13.05 35.80 -14.13
C ILE A 12 -13.48 36.50 -12.85
N VAL A 13 -12.56 37.27 -12.26
CA VAL A 13 -12.84 38.01 -11.03
C VAL A 13 -14.04 38.93 -11.27
N LYS A 14 -14.00 39.63 -12.40
CA LYS A 14 -15.07 40.55 -12.78
C LYS A 14 -16.42 39.84 -12.85
N GLY A 15 -16.48 38.73 -13.57
CA GLY A 15 -17.72 37.99 -13.70
C GLY A 15 -18.27 37.51 -12.37
N ILE A 16 -17.39 36.98 -11.54
CA ILE A 16 -17.80 36.49 -10.24
C ILE A 16 -18.25 37.63 -9.32
N ASN A 17 -17.61 38.79 -9.45
CA ASN A 17 -17.95 39.95 -8.64
C ASN A 17 -19.21 40.67 -9.09
N SER A 18 -19.70 40.33 -10.28
CA SER A 18 -20.91 40.96 -10.76
C SER A 18 -21.97 40.36 -9.85
N ASN A 19 -23.10 41.04 -9.66
CA ASN A 19 -24.10 40.40 -8.81
C ASN A 19 -25.09 39.71 -9.73
N ASN A 20 -24.58 39.23 -10.86
CA ASN A 20 -25.38 38.57 -11.88
C ASN A 20 -25.13 37.05 -11.87
N LEU A 21 -26.11 36.29 -11.37
CA LEU A 21 -26.00 34.84 -11.28
C LEU A 21 -25.49 34.20 -12.55
N GLU A 22 -26.05 34.60 -13.69
CA GLU A 22 -25.66 34.06 -14.98
C GLU A 22 -24.24 34.48 -15.32
N SER A 23 -23.88 35.74 -15.05
CA SER A 23 -22.52 36.21 -15.33
C SER A 23 -21.56 35.40 -14.44
N GLN A 24 -21.98 35.16 -13.21
CA GLN A 24 -21.18 34.38 -12.27
C GLN A 24 -21.02 32.95 -12.78
N LEU A 25 -22.10 32.39 -13.34
CA LEU A 25 -22.04 31.05 -13.89
C LEU A 25 -21.03 30.99 -15.03
N GLN A 26 -21.10 31.94 -15.95
CA GLN A 26 -20.17 31.95 -17.07
C GLN A 26 -18.72 32.15 -16.63
N ALA A 27 -18.51 32.94 -15.59
CA ALA A 27 -17.17 33.17 -15.08
C ALA A 27 -16.63 31.94 -14.31
N THR A 28 -17.51 31.20 -13.65
CA THR A 28 -17.09 30.03 -12.89
C THR A 28 -16.67 28.91 -13.82
N GLN A 29 -17.45 28.70 -14.88
CA GLN A 29 -17.14 27.68 -15.86
C GLN A 29 -15.80 28.01 -16.51
N ALA A 30 -15.59 29.30 -16.78
CA ALA A 30 -14.34 29.77 -17.38
C ALA A 30 -13.19 29.47 -16.42
N ALA A 31 -13.48 29.55 -15.13
CA ALA A 31 -12.47 29.28 -14.10
C ALA A 31 -12.17 27.79 -14.11
N ARG A 32 -13.22 26.98 -14.22
CA ARG A 32 -13.08 25.54 -14.26
C ARG A 32 -12.20 25.10 -15.43
N LYS A 33 -12.45 25.67 -16.61
CA LYS A 33 -11.68 25.33 -17.80
C LYS A 33 -10.22 25.70 -17.65
N LEU A 34 -9.96 26.79 -16.95
CA LEU A 34 -8.57 27.21 -16.73
C LEU A 34 -7.86 26.20 -15.82
N LEU A 35 -8.54 25.82 -14.75
CA LEU A 35 -7.98 24.87 -13.78
C LEU A 35 -7.95 23.46 -14.35
N SER A 36 -8.40 23.31 -15.59
CA SER A 36 -8.41 22.01 -16.24
C SER A 36 -7.22 21.84 -17.18
N ARG A 37 -6.55 22.93 -17.53
CA ARG A 37 -5.39 22.84 -18.42
C ARG A 37 -4.43 21.79 -17.91
N GLU A 38 -3.58 21.31 -18.80
CA GLU A 38 -2.54 20.32 -18.48
C GLU A 38 -1.31 21.14 -18.13
N LYS A 39 -1.03 22.14 -18.96
CA LYS A 39 0.11 23.00 -18.73
C LYS A 39 -0.09 23.85 -17.48
N GLN A 40 0.40 23.32 -16.36
CA GLN A 40 0.32 24.00 -15.06
C GLN A 40 -0.85 24.96 -14.88
N PRO A 41 -1.97 24.46 -14.30
CA PRO A 41 -3.13 25.34 -14.11
C PRO A 41 -2.78 26.47 -13.15
N PRO A 42 -3.29 27.68 -13.41
CA PRO A 42 -3.00 28.84 -12.55
C PRO A 42 -3.75 28.76 -11.22
N ILE A 43 -3.49 27.69 -10.46
CA ILE A 43 -4.14 27.49 -9.18
C ILE A 43 -3.83 28.61 -8.20
N ASP A 44 -2.54 28.93 -8.03
CA ASP A 44 -2.13 29.97 -7.10
C ASP A 44 -2.75 31.33 -7.39
N ASN A 45 -2.93 31.66 -8.66
CA ASN A 45 -3.53 32.94 -9.02
C ASN A 45 -5.01 32.97 -8.65
N ILE A 46 -5.73 31.89 -8.95
CA ILE A 46 -7.15 31.80 -8.60
C ILE A 46 -7.27 31.95 -7.08
N ILE A 47 -6.36 31.33 -6.33
CA ILE A 47 -6.39 31.43 -4.88
C ILE A 47 -6.13 32.86 -4.40
N ARG A 48 -5.03 33.46 -4.85
CA ARG A 48 -4.71 34.82 -4.44
C ARG A 48 -5.81 35.81 -4.80
N ALA A 49 -6.53 35.51 -5.88
CA ALA A 49 -7.62 36.37 -6.34
C ALA A 49 -8.82 36.34 -5.39
N GLY A 50 -8.77 35.43 -4.41
CA GLY A 50 -9.85 35.33 -3.44
C GLY A 50 -11.12 34.69 -3.96
N LEU A 51 -10.99 33.81 -4.95
CA LEU A 51 -12.16 33.15 -5.54
C LEU A 51 -12.76 31.97 -4.75
N ILE A 52 -11.93 31.25 -4.00
CA ILE A 52 -12.40 30.10 -3.23
C ILE A 52 -13.67 30.35 -2.42
N PRO A 53 -13.69 31.41 -1.60
CA PRO A 53 -14.91 31.66 -0.82
C PRO A 53 -16.15 31.82 -1.71
N LYS A 54 -15.96 32.43 -2.88
CA LYS A 54 -17.06 32.63 -3.81
C LYS A 54 -17.52 31.29 -4.34
N PHE A 55 -16.56 30.43 -4.69
CA PHE A 55 -16.87 29.09 -5.20
C PHE A 55 -17.63 28.27 -4.16
N VAL A 56 -17.15 28.30 -2.93
CA VAL A 56 -17.77 27.56 -1.84
C VAL A 56 -19.20 28.04 -1.69
N SER A 57 -19.39 29.34 -1.93
CA SER A 57 -20.71 29.92 -1.82
C SER A 57 -21.65 29.39 -2.89
N PHE A 58 -21.13 29.18 -4.10
CA PHE A 58 -21.96 28.68 -5.18
C PHE A 58 -22.41 27.22 -4.98
N LEU A 59 -21.70 26.48 -4.12
CA LEU A 59 -22.05 25.09 -3.85
C LEU A 59 -23.41 24.99 -3.18
N GLY A 60 -23.83 26.06 -2.52
CA GLY A 60 -25.11 26.08 -1.85
C GLY A 60 -26.27 26.60 -2.68
N LYS A 61 -26.04 26.90 -3.96
CA LYS A 61 -27.12 27.41 -4.79
C LYS A 61 -27.90 26.27 -5.42
N THR A 62 -28.81 25.70 -4.63
CA THR A 62 -29.64 24.60 -5.06
C THR A 62 -30.48 24.85 -6.31
N ASP A 63 -30.92 26.09 -6.51
CA ASP A 63 -31.74 26.41 -7.68
C ASP A 63 -30.94 26.58 -8.97
N CYS A 64 -29.63 26.56 -8.87
CA CYS A 64 -28.79 26.69 -10.05
C CYS A 64 -27.74 25.59 -10.02
N SER A 65 -28.18 24.35 -10.27
CA SER A 65 -27.28 23.21 -10.24
C SER A 65 -26.06 23.39 -11.13
N PRO A 66 -26.22 24.04 -12.30
CA PRO A 66 -25.04 24.21 -13.16
C PRO A 66 -23.87 24.91 -12.44
N ILE A 67 -24.14 25.98 -11.68
CA ILE A 67 -23.06 26.66 -10.98
C ILE A 67 -22.57 25.84 -9.78
N GLN A 68 -23.37 24.88 -9.35
CA GLN A 68 -22.95 24.01 -8.25
C GLN A 68 -21.89 23.09 -8.84
N PHE A 69 -22.22 22.54 -10.01
CA PHE A 69 -21.31 21.65 -10.73
C PHE A 69 -20.00 22.33 -11.09
N GLU A 70 -20.10 23.45 -11.82
CA GLU A 70 -18.91 24.19 -12.23
C GLU A 70 -17.98 24.54 -11.08
N SER A 71 -18.53 25.09 -9.99
CA SER A 71 -17.72 25.46 -8.85
C SER A 71 -17.20 24.23 -8.11
N ALA A 72 -17.97 23.16 -8.09
CA ALA A 72 -17.53 21.93 -7.42
C ALA A 72 -16.31 21.42 -8.18
N TRP A 73 -16.42 21.42 -9.50
CA TRP A 73 -15.33 20.97 -10.36
C TRP A 73 -14.11 21.86 -10.18
N ALA A 74 -14.33 23.17 -10.17
CA ALA A 74 -13.24 24.12 -10.02
C ALA A 74 -12.53 23.89 -8.71
N LEU A 75 -13.29 23.66 -7.64
CA LEU A 75 -12.71 23.44 -6.33
C LEU A 75 -11.95 22.12 -6.26
N THR A 76 -12.49 21.10 -6.92
CA THR A 76 -11.87 19.78 -6.94
C THR A 76 -10.45 19.81 -7.49
N ASN A 77 -10.23 20.56 -8.55
CA ASN A 77 -8.90 20.65 -9.14
C ASN A 77 -7.96 21.46 -8.27
N ILE A 78 -8.49 22.43 -7.54
CA ILE A 78 -7.64 23.21 -6.65
C ILE A 78 -7.27 22.29 -5.48
N ALA A 79 -8.24 21.54 -4.99
CA ALA A 79 -7.98 20.63 -3.87
C ALA A 79 -7.04 19.49 -4.29
N SER A 80 -6.90 19.26 -5.59
CA SER A 80 -6.01 18.21 -6.09
C SER A 80 -4.54 18.65 -6.13
N GLY A 81 -4.26 19.87 -5.69
CA GLY A 81 -2.90 20.35 -5.71
C GLY A 81 -2.08 20.01 -4.48
N THR A 82 -1.20 20.93 -4.08
CA THR A 82 -0.35 20.74 -2.92
C THR A 82 -1.19 20.82 -1.64
N SER A 83 -0.56 20.58 -0.50
CA SER A 83 -1.26 20.63 0.77
C SER A 83 -1.72 22.05 1.05
N GLU A 84 -0.91 23.01 0.63
CA GLU A 84 -1.21 24.44 0.81
C GLU A 84 -2.50 24.76 0.05
N GLN A 85 -2.60 24.22 -1.15
CA GLN A 85 -3.77 24.45 -1.99
C GLN A 85 -5.02 23.75 -1.45
N THR A 86 -4.89 22.48 -1.04
CA THR A 86 -6.01 21.73 -0.49
C THR A 86 -6.48 22.46 0.76
N LYS A 87 -5.51 22.91 1.55
CA LYS A 87 -5.81 23.66 2.77
C LYS A 87 -6.66 24.89 2.47
N ALA A 88 -6.39 25.54 1.35
CA ALA A 88 -7.15 26.74 0.97
C ALA A 88 -8.63 26.42 0.78
N VAL A 89 -8.92 25.28 0.16
CA VAL A 89 -10.29 24.87 -0.08
C VAL A 89 -10.98 24.63 1.26
N VAL A 90 -10.32 23.85 2.12
CA VAL A 90 -10.86 23.55 3.44
C VAL A 90 -11.07 24.83 4.23
N ASP A 91 -10.08 25.72 4.19
CA ASP A 91 -10.18 26.99 4.91
C ASP A 91 -11.36 27.81 4.40
N GLY A 92 -11.82 27.52 3.19
CA GLY A 92 -12.94 28.24 2.62
C GLY A 92 -14.29 27.68 3.04
N GLY A 93 -14.29 26.67 3.90
CA GLY A 93 -15.54 26.08 4.38
C GLY A 93 -16.11 25.03 3.44
N ALA A 94 -15.30 24.59 2.50
CA ALA A 94 -15.72 23.62 1.51
C ALA A 94 -16.18 22.25 2.02
N ILE A 95 -15.65 21.78 3.14
CA ILE A 95 -16.02 20.44 3.62
C ILE A 95 -17.51 20.21 3.87
N PRO A 96 -18.14 20.99 4.76
CA PRO A 96 -19.58 20.75 4.97
C PRO A 96 -20.42 21.01 3.71
N ALA A 97 -19.96 21.94 2.88
CA ALA A 97 -20.66 22.27 1.65
C ALA A 97 -20.64 21.08 0.69
N PHE A 98 -19.50 20.41 0.60
CA PHE A 98 -19.37 19.25 -0.27
C PHE A 98 -20.17 18.05 0.24
N ILE A 99 -20.21 17.86 1.55
CA ILE A 99 -20.96 16.75 2.10
C ILE A 99 -22.46 16.96 1.82
N SER A 100 -22.89 18.20 1.83
CA SER A 100 -24.29 18.50 1.54
C SER A 100 -24.64 18.16 0.09
N LEU A 101 -23.66 18.29 -0.80
CA LEU A 101 -23.88 17.99 -2.21
C LEU A 101 -24.00 16.49 -2.47
N LEU A 102 -23.43 15.68 -1.59
CA LEU A 102 -23.46 14.23 -1.78
C LEU A 102 -24.87 13.74 -2.07
N ALA A 103 -25.86 14.35 -1.43
CA ALA A 103 -27.24 13.95 -1.64
C ALA A 103 -27.97 14.76 -2.73
N SER A 104 -27.22 15.24 -3.72
CA SER A 104 -27.83 15.98 -4.82
C SER A 104 -28.55 15.05 -5.77
N PRO A 105 -29.74 15.45 -6.25
CA PRO A 105 -30.53 14.63 -7.18
C PRO A 105 -29.77 14.47 -8.48
N HIS A 106 -28.73 15.29 -8.64
CA HIS A 106 -27.89 15.30 -9.83
C HIS A 106 -26.65 14.45 -9.62
N ALA A 107 -26.60 13.31 -10.32
CA ALA A 107 -25.47 12.40 -10.21
C ALA A 107 -24.12 13.05 -10.48
N HIS A 108 -24.03 13.86 -11.52
CA HIS A 108 -22.77 14.49 -11.85
C HIS A 108 -22.30 15.45 -10.75
N ILE A 109 -23.24 16.01 -10.00
CA ILE A 109 -22.88 16.92 -8.92
C ILE A 109 -22.44 16.12 -7.70
N SER A 110 -23.22 15.10 -7.36
CA SER A 110 -22.91 14.22 -6.25
C SER A 110 -21.53 13.63 -6.51
N GLU A 111 -21.30 13.20 -7.74
CA GLU A 111 -20.00 12.63 -8.09
C GLU A 111 -18.83 13.59 -7.86
N GLN A 112 -19.02 14.88 -8.18
CA GLN A 112 -17.93 15.84 -7.98
C GLN A 112 -17.65 16.01 -6.51
N ALA A 113 -18.71 16.02 -5.71
CA ALA A 113 -18.57 16.15 -4.27
C ALA A 113 -17.76 14.99 -3.75
N VAL A 114 -18.05 13.78 -4.25
CA VAL A 114 -17.32 12.58 -3.84
C VAL A 114 -15.86 12.81 -4.14
N TRP A 115 -15.59 13.17 -5.39
CA TRP A 115 -14.25 13.42 -5.88
C TRP A 115 -13.52 14.47 -5.03
N ALA A 116 -14.20 15.57 -4.72
CA ALA A 116 -13.61 16.64 -3.93
C ALA A 116 -13.20 16.18 -2.55
N LEU A 117 -14.12 15.47 -1.89
CA LEU A 117 -13.82 14.96 -0.56
C LEU A 117 -12.63 14.00 -0.65
N GLY A 118 -12.57 13.18 -1.70
CA GLY A 118 -11.46 12.28 -1.86
C GLY A 118 -10.11 12.97 -1.84
N ASN A 119 -10.03 14.13 -2.48
CA ASN A 119 -8.77 14.89 -2.53
C ASN A 119 -8.48 15.55 -1.20
N ILE A 120 -9.52 16.01 -0.52
CA ILE A 120 -9.34 16.64 0.77
C ILE A 120 -8.84 15.60 1.78
N ALA A 121 -9.55 14.49 1.88
CA ALA A 121 -9.17 13.42 2.80
C ALA A 121 -7.80 12.89 2.42
N GLY A 122 -7.50 12.86 1.13
CA GLY A 122 -6.22 12.35 0.68
C GLY A 122 -4.99 13.18 1.04
N ASP A 123 -5.18 14.37 1.57
CA ASP A 123 -4.03 15.19 1.91
C ASP A 123 -3.27 14.67 3.13
N GLY A 124 -3.96 14.01 4.05
CA GLY A 124 -3.31 13.52 5.25
C GLY A 124 -4.34 13.14 6.30
N SER A 125 -3.89 12.58 7.41
CA SER A 125 -4.80 12.14 8.46
C SER A 125 -5.65 13.22 9.14
N ALA A 126 -5.10 14.42 9.30
CA ALA A 126 -5.84 15.51 9.93
C ALA A 126 -7.06 15.87 9.09
N PHE A 127 -6.85 16.07 7.79
CA PHE A 127 -7.95 16.40 6.88
C PHE A 127 -8.88 15.21 6.73
N ARG A 128 -8.32 14.02 6.74
CA ARG A 128 -9.11 12.79 6.63
C ARG A 128 -10.07 12.69 7.82
N ASP A 129 -9.56 12.96 9.02
CA ASP A 129 -10.39 12.89 10.22
C ASP A 129 -11.39 14.03 10.27
N LEU A 130 -10.99 15.22 9.82
CA LEU A 130 -11.89 16.38 9.82
C LEU A 130 -13.07 16.08 8.91
N VAL A 131 -12.80 15.43 7.77
CA VAL A 131 -13.85 15.04 6.84
C VAL A 131 -14.78 14.03 7.54
N ILE A 132 -14.20 13.13 8.33
CA ILE A 132 -15.00 12.13 9.03
C ILE A 132 -15.82 12.81 10.15
N LYS A 133 -15.21 13.76 10.86
CA LYS A 133 -15.91 14.47 11.92
C LYS A 133 -17.11 15.25 11.37
N HIS A 134 -17.00 15.76 10.15
CA HIS A 134 -18.11 16.49 9.53
C HIS A 134 -19.21 15.54 9.06
N GLY A 135 -19.00 14.24 9.30
CA GLY A 135 -19.99 13.24 8.94
C GLY A 135 -20.12 12.91 7.46
N ALA A 136 -19.00 12.64 6.80
CA ALA A 136 -19.05 12.31 5.39
C ALA A 136 -19.35 10.82 5.15
N ILE A 137 -19.02 9.98 6.12
CA ILE A 137 -19.22 8.55 5.96
C ILE A 137 -20.64 8.04 5.71
N ASP A 138 -21.63 8.47 6.50
CA ASP A 138 -23.01 8.00 6.29
C ASP A 138 -23.48 8.29 4.85
N PRO A 139 -23.37 9.55 4.40
CA PRO A 139 -23.78 9.95 3.04
C PRO A 139 -23.04 9.17 1.95
N LEU A 140 -21.74 9.00 2.12
CA LEU A 140 -20.96 8.26 1.14
C LEU A 140 -21.46 6.83 1.04
N LEU A 141 -21.65 6.18 2.19
CA LEU A 141 -22.10 4.81 2.20
C LEU A 141 -23.50 4.67 1.65
N ALA A 142 -24.34 5.68 1.86
CA ALA A 142 -25.70 5.63 1.35
C ALA A 142 -25.71 5.54 -0.17
N LEU A 143 -24.70 6.15 -0.82
CA LEU A 143 -24.62 6.13 -2.28
C LEU A 143 -24.39 4.73 -2.86
N LEU A 144 -23.75 3.85 -2.09
CA LEU A 144 -23.46 2.50 -2.54
C LEU A 144 -24.48 1.52 -1.94
N ALA A 145 -25.54 2.08 -1.36
CA ALA A 145 -26.57 1.30 -0.73
C ALA A 145 -27.58 0.64 -1.68
N VAL A 146 -27.10 -0.17 -2.61
CA VAL A 146 -27.99 -0.85 -3.54
C VAL A 146 -27.67 -2.33 -3.45
N PRO A 147 -28.66 -3.20 -3.72
CA PRO A 147 -28.52 -4.66 -3.69
C PRO A 147 -27.37 -5.23 -4.51
N ASP A 148 -27.23 -4.75 -5.74
CA ASP A 148 -26.20 -5.20 -6.65
C ASP A 148 -25.42 -4.01 -7.21
N LEU A 149 -24.14 -3.91 -6.86
CA LEU A 149 -23.27 -2.82 -7.31
C LEU A 149 -23.26 -2.65 -8.84
N SER A 150 -23.48 -3.74 -9.54
CA SER A 150 -23.48 -3.73 -11.00
C SER A 150 -24.44 -2.73 -11.67
N THR A 151 -25.46 -2.30 -10.94
CA THR A 151 -26.41 -1.36 -11.52
C THR A 151 -25.94 0.09 -11.46
N LEU A 152 -24.80 0.33 -10.81
CA LEU A 152 -24.28 1.69 -10.70
C LEU A 152 -23.43 2.03 -11.92
N ALA A 153 -23.39 3.31 -12.27
CA ALA A 153 -22.58 3.71 -13.42
C ALA A 153 -21.14 3.44 -13.03
N CYS A 154 -20.44 2.78 -13.92
CA CYS A 154 -19.06 2.40 -13.73
C CYS A 154 -18.14 3.52 -13.21
N GLY A 155 -18.13 4.65 -13.91
CA GLY A 155 -17.29 5.76 -13.52
C GLY A 155 -17.60 6.26 -12.13
N TYR A 156 -18.89 6.27 -11.80
CA TYR A 156 -19.34 6.72 -10.50
C TYR A 156 -18.85 5.78 -9.39
N LEU A 157 -18.98 4.47 -9.62
CA LEU A 157 -18.55 3.48 -8.64
C LEU A 157 -17.04 3.60 -8.37
N ARG A 158 -16.25 3.83 -9.41
CA ARG A 158 -14.80 3.97 -9.22
C ARG A 158 -14.42 5.17 -8.37
N ASN A 159 -15.17 6.25 -8.51
CA ASN A 159 -14.92 7.46 -7.75
C ASN A 159 -15.16 7.24 -6.27
N LEU A 160 -16.30 6.65 -5.95
CA LEU A 160 -16.63 6.36 -4.55
C LEU A 160 -15.60 5.44 -3.92
N THR A 161 -15.24 4.38 -4.64
CA THR A 161 -14.26 3.41 -4.15
C THR A 161 -12.98 4.15 -3.81
N TRP A 162 -12.48 4.93 -4.75
CA TRP A 162 -11.25 5.70 -4.55
C TRP A 162 -11.36 6.66 -3.36
N THR A 163 -12.51 7.32 -3.21
CA THR A 163 -12.67 8.23 -2.09
C THR A 163 -12.67 7.45 -0.77
N LEU A 164 -13.42 6.34 -0.71
CA LEU A 164 -13.44 5.52 0.51
C LEU A 164 -12.02 5.06 0.83
N SER A 165 -11.24 4.80 -0.21
CA SER A 165 -9.86 4.36 -0.04
C SER A 165 -9.03 5.41 0.71
N ASN A 166 -9.21 6.68 0.35
CA ASN A 166 -8.48 7.77 0.98
C ASN A 166 -8.90 7.95 2.43
N LEU A 167 -10.11 7.50 2.76
CA LEU A 167 -10.56 7.59 4.15
C LEU A 167 -9.91 6.48 4.99
N CYS A 168 -9.26 5.54 4.32
CA CYS A 168 -8.59 4.45 5.01
C CYS A 168 -7.08 4.64 5.11
N ARG A 169 -6.52 5.54 4.30
CA ARG A 169 -5.09 5.70 4.33
C ARG A 169 -3.69 5.93 4.85
N ASN A 170 -3.61 6.86 5.81
CA ASN A 170 -2.37 7.28 6.46
C ASN A 170 -2.36 6.69 7.86
N LYS A 171 -1.18 6.71 8.48
CA LYS A 171 -0.98 6.13 9.80
C LYS A 171 -0.59 6.99 11.00
N ASN A 172 -0.66 8.31 10.94
CA ASN A 172 -0.29 9.05 12.15
C ASN A 172 -1.24 10.18 12.49
N PRO A 173 -2.39 9.85 13.08
CA PRO A 173 -2.86 8.50 13.45
C PRO A 173 -3.57 7.75 12.33
N ALA A 174 -3.96 6.50 12.62
CA ALA A 174 -4.70 5.69 11.67
C ALA A 174 -6.15 6.13 11.75
N PRO A 175 -6.95 5.77 10.75
CA PRO A 175 -8.37 6.16 10.77
C PRO A 175 -9.02 5.75 12.08
N PRO A 176 -10.09 6.46 12.50
CA PRO A 176 -10.77 6.11 13.75
C PRO A 176 -11.35 4.70 13.65
N LEU A 177 -11.23 3.92 14.72
CA LEU A 177 -11.72 2.55 14.72
C LEU A 177 -13.18 2.38 14.37
N ASP A 178 -14.05 3.23 14.92
CA ASP A 178 -15.46 3.09 14.60
C ASP A 178 -15.75 3.51 13.17
N ALA A 179 -14.87 4.31 12.59
CA ALA A 179 -15.04 4.74 11.21
C ALA A 179 -14.70 3.55 10.30
N VAL A 180 -13.66 2.82 10.66
CA VAL A 180 -13.23 1.66 9.89
C VAL A 180 -14.31 0.57 9.93
N GLU A 181 -14.91 0.36 11.10
CA GLU A 181 -15.95 -0.64 11.23
C GLU A 181 -17.16 -0.31 10.37
N GLN A 182 -17.56 0.95 10.37
CA GLN A 182 -18.70 1.41 9.59
C GLN A 182 -18.42 1.24 8.09
N ILE A 183 -17.16 1.42 7.71
CA ILE A 183 -16.76 1.32 6.31
C ILE A 183 -16.51 -0.10 5.76
N LEU A 184 -15.94 -0.96 6.59
CA LEU A 184 -15.60 -2.32 6.18
C LEU A 184 -16.59 -3.15 5.34
N PRO A 185 -17.84 -3.28 5.80
CA PRO A 185 -18.81 -4.06 5.02
C PRO A 185 -18.93 -3.66 3.54
N THR A 186 -19.01 -2.36 3.29
CA THR A 186 -19.11 -1.84 1.92
C THR A 186 -17.81 -2.06 1.19
N LEU A 187 -16.71 -1.79 1.87
CA LEU A 187 -15.39 -1.96 1.31
C LEU A 187 -15.24 -3.41 0.87
N VAL A 188 -15.76 -4.35 1.66
CA VAL A 188 -15.69 -5.77 1.32
C VAL A 188 -16.53 -6.10 0.08
N ARG A 189 -17.67 -5.44 -0.09
CA ARG A 189 -18.49 -5.67 -1.29
C ARG A 189 -17.71 -5.22 -2.52
N LEU A 190 -17.00 -4.11 -2.38
CA LEU A 190 -16.21 -3.56 -3.48
C LEU A 190 -15.07 -4.49 -3.84
N LEU A 191 -14.50 -5.15 -2.83
CA LEU A 191 -13.39 -6.08 -3.03
C LEU A 191 -13.84 -7.30 -3.82
N HIS A 192 -15.14 -7.51 -3.91
CA HIS A 192 -15.69 -8.64 -4.64
C HIS A 192 -16.34 -8.22 -5.95
N HIS A 193 -16.18 -6.96 -6.33
CA HIS A 193 -16.76 -6.44 -7.57
C HIS A 193 -15.89 -6.78 -8.79
N ASN A 194 -16.50 -6.84 -9.95
CA ASN A 194 -15.79 -7.19 -11.19
C ASN A 194 -15.01 -6.10 -11.93
N ASP A 195 -15.12 -4.85 -11.54
CA ASP A 195 -14.36 -3.83 -12.26
C ASP A 195 -12.89 -3.80 -11.81
N PRO A 196 -11.96 -4.03 -12.74
CA PRO A 196 -10.51 -4.04 -12.47
C PRO A 196 -9.94 -2.85 -11.73
N GLU A 197 -10.56 -1.69 -11.88
CA GLU A 197 -10.08 -0.52 -11.18
C GLU A 197 -10.65 -0.48 -9.77
N VAL A 198 -11.93 -0.83 -9.62
CA VAL A 198 -12.57 -0.88 -8.32
C VAL A 198 -11.81 -1.89 -7.46
N LEU A 199 -11.49 -3.03 -8.06
CA LEU A 199 -10.75 -4.09 -7.37
C LEU A 199 -9.41 -3.58 -6.87
N ALA A 200 -8.71 -2.80 -7.71
CA ALA A 200 -7.41 -2.25 -7.34
C ALA A 200 -7.47 -1.31 -6.14
N ASP A 201 -8.34 -0.29 -6.21
CA ASP A 201 -8.45 0.66 -5.10
C ASP A 201 -9.01 0.01 -3.84
N SER A 202 -9.82 -1.03 -4.02
CA SER A 202 -10.38 -1.76 -2.88
C SER A 202 -9.24 -2.41 -2.15
N CYS A 203 -8.34 -3.04 -2.90
CA CYS A 203 -7.17 -3.70 -2.36
C CYS A 203 -6.21 -2.71 -1.69
N TRP A 204 -6.16 -1.49 -2.20
CA TRP A 204 -5.29 -0.48 -1.57
C TRP A 204 -5.87 -0.09 -0.23
N ALA A 205 -7.19 0.03 -0.17
CA ALA A 205 -7.87 0.38 1.08
C ALA A 205 -7.58 -0.69 2.15
N ILE A 206 -7.74 -1.95 1.76
CA ILE A 206 -7.49 -3.06 2.69
C ILE A 206 -6.01 -3.07 3.08
N SER A 207 -5.13 -2.77 2.13
CA SER A 207 -3.71 -2.76 2.44
C SER A 207 -3.38 -1.67 3.47
N TYR A 208 -4.14 -0.58 3.47
CA TYR A 208 -3.92 0.48 4.44
C TYR A 208 -4.44 0.05 5.82
N LEU A 209 -5.65 -0.49 5.84
CA LEU A 209 -6.27 -0.94 7.09
C LEU A 209 -5.45 -2.03 7.78
N THR A 210 -4.68 -2.78 7.01
CA THR A 210 -3.86 -3.84 7.57
C THR A 210 -2.44 -3.42 7.91
N ASP A 211 -2.11 -2.15 7.66
CA ASP A 211 -0.79 -1.63 7.97
C ASP A 211 -0.89 -1.06 9.39
N GLY A 212 -0.68 -1.91 10.37
CA GLY A 212 -0.78 -1.45 11.75
C GLY A 212 -0.73 -2.57 12.78
N PRO A 213 -1.25 -2.32 13.98
CA PRO A 213 -1.29 -3.28 15.10
C PRO A 213 -2.16 -4.50 14.80
N ASN A 214 -1.85 -5.62 15.46
CA ASN A 214 -2.59 -6.86 15.26
C ASN A 214 -4.09 -6.64 15.36
N GLU A 215 -4.50 -5.75 16.26
CA GLU A 215 -5.93 -5.49 16.43
C GLU A 215 -6.53 -4.98 15.13
N ARG A 216 -5.76 -4.18 14.38
CA ARG A 216 -6.24 -3.63 13.11
C ARG A 216 -6.37 -4.75 12.09
N ILE A 217 -5.35 -5.60 12.00
CA ILE A 217 -5.35 -6.71 11.07
C ILE A 217 -6.53 -7.63 11.37
N GLU A 218 -6.80 -7.85 12.65
CA GLU A 218 -7.88 -8.72 13.05
C GLU A 218 -9.25 -8.31 12.56
N MET A 219 -9.59 -7.02 12.64
CA MET A 219 -10.92 -6.62 12.19
C MET A 219 -11.13 -6.78 10.69
N VAL A 220 -10.04 -6.84 9.94
CA VAL A 220 -10.14 -7.05 8.49
C VAL A 220 -10.22 -8.56 8.22
N VAL A 221 -9.42 -9.33 8.95
CA VAL A 221 -9.40 -10.78 8.78
C VAL A 221 -10.73 -11.40 9.16
N LYS A 222 -11.38 -10.85 10.20
CA LYS A 222 -12.69 -11.34 10.64
C LYS A 222 -13.80 -11.17 9.62
N LYS A 223 -13.57 -10.36 8.59
CA LYS A 223 -14.55 -10.11 7.54
C LYS A 223 -14.43 -11.13 6.41
N GLY A 224 -13.54 -12.10 6.59
CA GLY A 224 -13.34 -13.13 5.61
C GLY A 224 -12.81 -12.68 4.27
N VAL A 225 -11.97 -11.65 4.26
CA VAL A 225 -11.40 -11.11 3.02
C VAL A 225 -10.15 -11.80 2.50
N VAL A 226 -9.48 -12.59 3.33
CA VAL A 226 -8.25 -13.26 2.93
C VAL A 226 -8.38 -14.10 1.65
N PRO A 227 -9.43 -14.94 1.56
CA PRO A 227 -9.60 -15.75 0.36
C PRO A 227 -9.71 -14.91 -0.93
N GLN A 228 -10.48 -13.84 -0.88
CA GLN A 228 -10.60 -12.97 -2.04
C GLN A 228 -9.24 -12.33 -2.34
N LEU A 229 -8.50 -11.94 -1.32
CA LEU A 229 -7.19 -11.33 -1.51
C LEU A 229 -6.24 -12.29 -2.24
N VAL A 230 -6.24 -13.54 -1.79
CA VAL A 230 -5.40 -14.58 -2.38
C VAL A 230 -5.75 -14.77 -3.86
N LYS A 231 -7.04 -14.74 -4.18
CA LYS A 231 -7.51 -14.85 -5.57
C LYS A 231 -6.96 -13.67 -6.37
N LEU A 232 -7.09 -12.47 -5.82
CA LEU A 232 -6.61 -11.27 -6.49
C LEU A 232 -5.11 -11.30 -6.59
N LEU A 233 -4.48 -12.03 -5.68
CA LEU A 233 -3.03 -12.16 -5.65
C LEU A 233 -2.52 -12.79 -6.94
N GLY A 234 -3.39 -13.55 -7.61
CA GLY A 234 -2.98 -14.20 -8.84
C GLY A 234 -3.58 -13.61 -10.09
N ALA A 235 -4.13 -12.39 -9.98
CA ALA A 235 -4.73 -11.72 -11.13
C ALA A 235 -3.69 -11.45 -12.21
N THR A 236 -4.16 -11.12 -13.41
CA THR A 236 -3.24 -10.86 -14.50
C THR A 236 -2.83 -9.40 -14.59
N GLU A 237 -3.53 -8.53 -13.87
CA GLU A 237 -3.22 -7.10 -13.89
C GLU A 237 -2.32 -6.64 -12.74
N LEU A 238 -1.15 -6.09 -13.08
CA LEU A 238 -0.21 -5.62 -12.08
C LEU A 238 -0.88 -4.70 -11.06
N PRO A 239 -1.75 -3.78 -11.52
CA PRO A 239 -2.46 -2.85 -10.64
C PRO A 239 -3.29 -3.52 -9.54
N ILE A 240 -3.68 -4.78 -9.74
CA ILE A 240 -4.45 -5.48 -8.73
C ILE A 240 -3.54 -6.30 -7.84
N VAL A 241 -2.59 -7.00 -8.46
CA VAL A 241 -1.62 -7.82 -7.76
C VAL A 241 -0.83 -7.06 -6.71
N THR A 242 -0.25 -5.94 -7.11
CA THR A 242 0.54 -5.10 -6.22
C THR A 242 -0.12 -4.82 -4.86
N PRO A 243 -1.32 -4.20 -4.85
CA PRO A 243 -1.94 -3.94 -3.56
C PRO A 243 -2.41 -5.19 -2.81
N ALA A 244 -2.76 -6.24 -3.55
CA ALA A 244 -3.20 -7.48 -2.93
C ALA A 244 -2.04 -8.13 -2.16
N LEU A 245 -0.87 -8.14 -2.79
CA LEU A 245 0.32 -8.69 -2.19
C LEU A 245 0.72 -7.85 -0.98
N ARG A 246 0.53 -6.54 -1.06
CA ARG A 246 0.87 -5.67 0.06
C ARG A 246 -0.04 -6.00 1.25
N ALA A 247 -1.34 -6.14 1.00
CA ALA A 247 -2.30 -6.49 2.04
C ALA A 247 -1.94 -7.84 2.65
N ILE A 248 -1.59 -8.79 1.80
CA ILE A 248 -1.22 -10.12 2.25
C ILE A 248 0.04 -9.98 3.11
N GLY A 249 0.98 -9.17 2.62
CA GLY A 249 2.22 -8.92 3.32
C GLY A 249 1.98 -8.35 4.71
N ASN A 250 1.10 -7.35 4.81
CA ASN A 250 0.82 -6.76 6.11
C ASN A 250 0.18 -7.79 7.06
N ILE A 251 -0.73 -8.61 6.55
CA ILE A 251 -1.40 -9.59 7.40
C ILE A 251 -0.45 -10.61 8.03
N VAL A 252 0.61 -11.00 7.32
CA VAL A 252 1.55 -11.96 7.87
C VAL A 252 2.53 -11.32 8.86
N THR A 253 2.36 -10.04 9.16
CA THR A 253 3.22 -9.39 10.14
C THR A 253 2.50 -9.57 11.49
N GLY A 254 1.22 -9.90 11.43
CA GLY A 254 0.44 -10.09 12.63
C GLY A 254 0.73 -11.41 13.33
N THR A 255 -0.27 -11.92 14.05
CA THR A 255 -0.13 -13.17 14.79
C THR A 255 0.00 -14.39 13.88
N ASP A 256 0.54 -15.46 14.44
CA ASP A 256 0.69 -16.70 13.68
C ASP A 256 -0.67 -17.22 13.25
N GLU A 257 -1.67 -16.99 14.11
CA GLU A 257 -3.04 -17.39 13.81
C GLU A 257 -3.53 -16.59 12.56
N GLN A 258 -3.12 -15.33 12.45
CA GLN A 258 -3.52 -14.49 11.31
C GLN A 258 -2.77 -14.94 10.06
N THR A 259 -1.49 -15.28 10.21
CA THR A 259 -0.68 -15.76 9.10
C THR A 259 -1.25 -17.08 8.58
N GLN A 260 -1.72 -17.92 9.50
CA GLN A 260 -2.27 -19.22 9.14
C GLN A 260 -3.51 -19.08 8.27
N LYS A 261 -4.26 -17.99 8.44
CA LYS A 261 -5.45 -17.78 7.62
C LYS A 261 -5.02 -17.57 6.17
N VAL A 262 -3.87 -16.92 6.00
CA VAL A 262 -3.31 -16.66 4.67
C VAL A 262 -2.83 -17.98 4.04
N ILE A 263 -2.16 -18.80 4.82
CA ILE A 263 -1.68 -20.08 4.31
C ILE A 263 -2.86 -21.00 4.00
N ASP A 264 -3.90 -20.97 4.84
CA ASP A 264 -5.06 -21.83 4.60
C ASP A 264 -5.83 -21.42 3.34
N ALA A 265 -5.80 -20.12 3.03
CA ALA A 265 -6.49 -19.61 1.85
C ALA A 265 -5.77 -20.05 0.57
N GLY A 266 -4.58 -20.60 0.73
CA GLY A 266 -3.82 -21.06 -0.42
C GLY A 266 -2.84 -20.08 -1.01
N ALA A 267 -2.43 -19.08 -0.22
CA ALA A 267 -1.49 -18.07 -0.70
C ALA A 267 -0.16 -18.62 -1.22
N LEU A 268 0.40 -19.60 -0.52
CA LEU A 268 1.69 -20.17 -0.88
C LEU A 268 1.80 -20.72 -2.30
N ALA A 269 0.71 -21.25 -2.85
CA ALA A 269 0.74 -21.78 -4.21
C ALA A 269 0.97 -20.68 -5.26
N VAL A 270 0.78 -19.42 -4.85
CA VAL A 270 0.98 -18.30 -5.77
C VAL A 270 2.42 -17.80 -5.77
N PHE A 271 3.18 -18.11 -4.73
CA PHE A 271 4.53 -17.61 -4.65
C PHE A 271 5.59 -18.06 -5.66
N PRO A 272 5.38 -19.21 -6.33
CA PRO A 272 6.44 -19.57 -7.29
C PRO A 272 6.56 -18.49 -8.38
N SER A 273 5.43 -18.02 -8.89
CA SER A 273 5.46 -16.99 -9.93
C SER A 273 5.76 -15.60 -9.34
N LEU A 274 5.31 -15.33 -8.13
CA LEU A 274 5.56 -14.04 -7.48
C LEU A 274 7.06 -13.85 -7.20
N LEU A 275 7.73 -14.91 -6.77
CA LEU A 275 9.15 -14.84 -6.45
C LEU A 275 10.03 -14.80 -7.70
N THR A 276 9.40 -14.97 -8.86
CA THR A 276 10.13 -14.89 -10.14
C THR A 276 9.45 -13.88 -11.06
N ASN A 277 8.60 -13.03 -10.48
CA ASN A 277 7.89 -12.01 -11.25
C ASN A 277 8.90 -11.05 -11.89
N PRO A 278 8.66 -10.68 -13.16
CA PRO A 278 9.59 -9.76 -13.83
C PRO A 278 9.60 -8.40 -13.14
N LYS A 279 8.48 -8.03 -12.51
CA LYS A 279 8.39 -6.76 -11.81
C LYS A 279 9.20 -6.77 -10.51
N THR A 280 10.34 -6.08 -10.53
CA THR A 280 11.24 -5.99 -9.40
C THR A 280 10.54 -5.77 -8.06
N ASN A 281 9.56 -4.87 -8.06
CA ASN A 281 8.81 -4.54 -6.85
C ASN A 281 7.98 -5.70 -6.29
N ILE A 282 7.37 -6.48 -7.17
CA ILE A 282 6.54 -7.61 -6.76
C ILE A 282 7.42 -8.69 -6.12
N GLN A 283 8.55 -8.93 -6.77
CA GLN A 283 9.51 -9.91 -6.30
C GLN A 283 10.01 -9.54 -4.91
N LYS A 284 10.32 -8.26 -4.71
CA LYS A 284 10.82 -7.80 -3.42
C LYS A 284 9.78 -7.90 -2.30
N GLU A 285 8.52 -7.61 -2.61
CA GLU A 285 7.49 -7.70 -1.57
C GLU A 285 7.03 -9.13 -1.33
N ALA A 286 7.25 -9.99 -2.31
CA ALA A 286 6.89 -11.41 -2.19
C ALA A 286 7.91 -12.05 -1.24
N THR A 287 9.18 -11.67 -1.39
CA THR A 287 10.23 -12.21 -0.56
C THR A 287 10.06 -11.70 0.86
N TRP A 288 9.71 -10.42 1.00
CA TRP A 288 9.46 -9.80 2.30
C TRP A 288 8.37 -10.60 3.01
N THR A 289 7.27 -10.83 2.31
CA THR A 289 6.14 -11.58 2.82
C THR A 289 6.59 -12.96 3.29
N MET A 290 7.46 -13.58 2.51
CA MET A 290 7.98 -14.91 2.83
C MET A 290 8.83 -14.90 4.10
N SER A 291 9.56 -13.81 4.33
CA SER A 291 10.41 -13.72 5.51
C SER A 291 9.57 -13.64 6.79
N ASN A 292 8.35 -13.09 6.69
CA ASN A 292 7.46 -13.00 7.84
C ASN A 292 6.64 -14.29 7.98
N ILE A 293 6.75 -15.18 7.00
CA ILE A 293 6.05 -16.43 7.10
C ILE A 293 7.02 -17.44 7.69
N THR A 294 8.28 -17.33 7.30
CA THR A 294 9.30 -18.23 7.82
C THR A 294 9.64 -17.85 9.26
N ALA A 295 9.08 -16.74 9.71
CA ALA A 295 9.31 -16.29 11.08
C ALA A 295 8.21 -16.88 11.96
N GLY A 296 7.38 -17.71 11.35
CA GLY A 296 6.28 -18.34 12.07
C GLY A 296 6.68 -19.62 12.77
N ARG A 297 5.67 -20.45 13.06
CA ARG A 297 5.88 -21.72 13.76
C ARG A 297 6.53 -22.75 12.85
N GLN A 298 7.04 -23.80 13.46
CA GLN A 298 7.68 -24.87 12.70
C GLN A 298 6.74 -25.52 11.69
N ASP A 299 5.45 -25.59 12.01
CA ASP A 299 4.47 -26.19 11.10
C ASP A 299 4.14 -25.27 9.92
N GLN A 300 4.48 -24.00 10.02
CA GLN A 300 4.20 -23.07 8.93
C GLN A 300 5.45 -23.08 8.03
N ILE A 301 6.60 -23.29 8.64
CA ILE A 301 7.85 -23.38 7.90
C ILE A 301 7.75 -24.66 7.06
N GLN A 302 7.04 -25.65 7.60
CA GLN A 302 6.87 -26.91 6.89
C GLN A 302 5.96 -26.72 5.68
N GLN A 303 5.06 -25.74 5.75
CA GLN A 303 4.15 -25.45 4.63
C GLN A 303 4.96 -24.80 3.51
N VAL A 304 5.95 -23.99 3.89
CA VAL A 304 6.80 -23.34 2.91
C VAL A 304 7.54 -24.43 2.17
N VAL A 305 8.06 -25.39 2.94
CA VAL A 305 8.78 -26.53 2.39
C VAL A 305 7.92 -27.40 1.47
N ASN A 306 6.70 -27.74 1.90
CA ASN A 306 5.81 -28.57 1.09
C ASN A 306 5.42 -27.98 -0.25
N HIS A 307 5.28 -26.65 -0.31
CA HIS A 307 4.92 -26.00 -1.55
C HIS A 307 6.11 -25.79 -2.46
N GLY A 308 7.25 -26.35 -2.03
CA GLY A 308 8.47 -26.26 -2.80
C GLY A 308 9.07 -24.88 -2.95
N LEU A 309 8.84 -24.01 -1.97
CA LEU A 309 9.33 -22.64 -2.05
C LEU A 309 10.76 -22.41 -1.61
N VAL A 310 11.42 -23.44 -1.08
CA VAL A 310 12.80 -23.25 -0.65
C VAL A 310 13.73 -23.01 -1.85
N PRO A 311 13.56 -23.79 -2.93
CA PRO A 311 14.43 -23.58 -4.10
C PRO A 311 14.22 -22.17 -4.65
N PHE A 312 13.00 -21.67 -4.56
CA PHE A 312 12.71 -20.33 -5.04
C PHE A 312 13.41 -19.29 -4.19
N LEU A 313 13.48 -19.52 -2.88
CA LEU A 313 14.18 -18.60 -2.00
C LEU A 313 15.66 -18.67 -2.34
N VAL A 314 16.16 -19.88 -2.58
CA VAL A 314 17.55 -20.07 -2.97
C VAL A 314 17.84 -19.27 -4.25
N GLY A 315 16.90 -19.33 -5.19
CA GLY A 315 17.05 -18.63 -6.45
C GLY A 315 17.14 -17.12 -6.28
N VAL A 316 16.15 -16.53 -5.60
CA VAL A 316 16.16 -15.08 -5.38
C VAL A 316 17.46 -14.67 -4.71
N LEU A 317 17.88 -15.43 -3.71
CA LEU A 317 19.10 -15.12 -3.01
C LEU A 317 20.28 -15.21 -3.97
N SER A 318 20.14 -15.98 -5.04
CA SER A 318 21.22 -16.13 -6.01
C SER A 318 21.30 -14.98 -6.99
N LYS A 319 20.16 -14.64 -7.60
CA LYS A 319 20.12 -13.55 -8.57
C LYS A 319 18.86 -12.72 -8.41
N ALA A 320 19.04 -11.44 -8.13
CA ALA A 320 17.92 -10.52 -7.96
C ALA A 320 18.43 -9.14 -7.55
N ASP A 321 17.55 -8.15 -7.62
CA ASP A 321 17.91 -6.80 -7.21
C ASP A 321 18.45 -6.94 -5.78
N PHE A 322 19.42 -6.12 -5.40
CA PHE A 322 19.97 -6.21 -4.05
C PHE A 322 18.92 -6.11 -2.94
N LYS A 323 17.89 -5.30 -3.13
CA LYS A 323 16.86 -5.15 -2.11
C LYS A 323 16.04 -6.42 -1.98
N THR A 324 15.85 -7.14 -3.07
CA THR A 324 15.10 -8.39 -3.00
C THR A 324 15.98 -9.41 -2.27
N GLN A 325 17.26 -9.48 -2.63
CA GLN A 325 18.20 -10.39 -2.00
C GLN A 325 18.27 -10.15 -0.50
N LYS A 326 18.20 -8.88 -0.10
CA LYS A 326 18.25 -8.52 1.31
C LYS A 326 17.07 -9.13 2.07
N GLU A 327 15.87 -9.09 1.49
CA GLU A 327 14.71 -9.69 2.15
C GLU A 327 14.92 -11.21 2.23
N ALA A 328 15.52 -11.77 1.18
CA ALA A 328 15.79 -13.20 1.11
C ALA A 328 16.65 -13.64 2.28
N ALA A 329 17.67 -12.84 2.60
CA ALA A 329 18.56 -13.13 3.70
C ALA A 329 17.76 -13.18 4.99
N TRP A 330 16.88 -12.21 5.17
CA TRP A 330 16.03 -12.17 6.35
C TRP A 330 15.17 -13.42 6.42
N ALA A 331 14.63 -13.82 5.27
CA ALA A 331 13.77 -14.98 5.21
C ALA A 331 14.52 -16.24 5.64
N ILE A 332 15.78 -16.34 5.21
CA ILE A 332 16.64 -17.48 5.53
C ILE A 332 17.07 -17.43 6.99
N THR A 333 17.31 -16.22 7.49
CA THR A 333 17.73 -16.05 8.87
C THR A 333 16.58 -16.39 9.82
N ASN A 334 15.34 -16.09 9.41
CA ASN A 334 14.17 -16.38 10.23
C ASN A 334 13.91 -17.87 10.17
N TYR A 335 14.02 -18.43 8.97
CA TYR A 335 13.81 -19.86 8.75
C TYR A 335 14.82 -20.62 9.60
N THR A 336 16.11 -20.29 9.46
CA THR A 336 17.16 -20.97 10.22
C THR A 336 17.01 -20.79 11.72
N SER A 337 16.45 -19.66 12.12
CA SER A 337 16.25 -19.38 13.54
C SER A 337 15.11 -20.17 14.21
N GLY A 338 13.98 -20.32 13.53
CA GLY A 338 12.88 -21.05 14.14
C GLY A 338 12.58 -22.44 13.61
N GLY A 339 13.38 -22.93 12.67
CA GLY A 339 13.10 -24.26 12.13
C GLY A 339 13.74 -25.44 12.85
N THR A 340 13.24 -26.64 12.55
CA THR A 340 13.76 -27.87 13.14
C THR A 340 15.16 -28.11 12.55
N VAL A 341 15.85 -29.14 13.04
CA VAL A 341 17.18 -29.48 12.51
C VAL A 341 16.99 -30.01 11.09
N GLU A 342 15.97 -30.83 10.91
CA GLU A 342 15.61 -31.44 9.64
C GLU A 342 15.32 -30.38 8.56
N GLN A 343 14.57 -29.34 8.92
CA GLN A 343 14.23 -28.28 7.99
C GLN A 343 15.48 -27.51 7.61
N ILE A 344 16.36 -27.31 8.57
CA ILE A 344 17.60 -26.59 8.29
C ILE A 344 18.52 -27.42 7.38
N VAL A 345 18.56 -28.73 7.58
CA VAL A 345 19.38 -29.62 6.75
C VAL A 345 18.87 -29.53 5.32
N TYR A 346 17.55 -29.59 5.18
CA TYR A 346 16.89 -29.50 3.88
C TYR A 346 17.30 -28.19 3.17
N LEU A 347 17.41 -27.13 3.94
CA LEU A 347 17.80 -25.84 3.40
C LEU A 347 19.19 -25.91 2.80
N VAL A 348 20.09 -26.64 3.46
CA VAL A 348 21.46 -26.78 2.98
C VAL A 348 21.52 -27.67 1.74
N HIS A 349 20.65 -28.66 1.67
CA HIS A 349 20.62 -29.56 0.53
C HIS A 349 20.04 -28.88 -0.70
N CYS A 350 19.36 -27.75 -0.48
CA CYS A 350 18.78 -27.00 -1.59
C CYS A 350 19.79 -26.04 -2.21
N GLY A 351 20.93 -25.87 -1.56
CA GLY A 351 21.97 -25.01 -2.08
C GLY A 351 22.06 -23.60 -1.53
N ILE A 352 21.59 -23.39 -0.30
CA ILE A 352 21.62 -22.06 0.30
C ILE A 352 23.00 -21.50 0.59
N ILE A 353 23.97 -22.37 0.86
CA ILE A 353 25.33 -21.95 1.20
C ILE A 353 26.08 -21.06 0.21
N GLU A 354 26.22 -21.55 -1.03
CA GLU A 354 26.93 -20.79 -2.05
C GLU A 354 26.43 -19.36 -2.21
N PRO A 355 25.16 -19.20 -2.61
CA PRO A 355 24.64 -17.84 -2.77
C PRO A 355 24.68 -17.00 -1.49
N LEU A 356 24.61 -17.67 -0.33
CA LEU A 356 24.64 -16.98 0.95
C LEU A 356 26.06 -16.49 1.19
N MET A 357 27.04 -17.28 0.76
CA MET A 357 28.44 -16.89 0.91
C MET A 357 28.72 -15.71 -0.01
N ASN A 358 28.33 -15.84 -1.27
CA ASN A 358 28.55 -14.78 -2.23
C ASN A 358 28.05 -13.43 -1.77
N LEU A 359 27.07 -13.41 -0.87
CA LEU A 359 26.53 -12.14 -0.38
C LEU A 359 27.33 -11.54 0.79
N LEU A 360 28.25 -12.31 1.36
CA LEU A 360 29.06 -11.80 2.46
C LEU A 360 30.01 -10.69 1.98
N SER A 361 30.12 -10.55 0.67
CA SER A 361 30.98 -9.54 0.09
C SER A 361 30.21 -8.24 0.00
N ALA A 362 28.90 -8.33 0.19
CA ALA A 362 28.04 -7.16 0.13
C ALA A 362 28.64 -6.00 0.92
N LYS A 363 28.41 -4.78 0.43
CA LYS A 363 28.92 -3.57 1.06
C LYS A 363 27.87 -2.97 1.98
N ASP A 364 26.98 -3.82 2.46
CA ASP A 364 25.91 -3.38 3.35
C ASP A 364 25.93 -4.10 4.67
N THR A 365 26.61 -3.50 5.65
CA THR A 365 26.74 -4.04 7.00
C THR A 365 25.51 -4.79 7.48
N LYS A 366 24.33 -4.25 7.21
CA LYS A 366 23.08 -4.87 7.64
C LYS A 366 22.87 -6.30 7.12
N ILE A 367 23.15 -6.55 5.84
CA ILE A 367 22.94 -7.87 5.29
C ILE A 367 24.02 -8.84 5.75
N ILE A 368 25.16 -8.31 6.17
CA ILE A 368 26.26 -9.14 6.64
C ILE A 368 25.95 -9.71 8.02
N GLN A 369 25.23 -8.92 8.81
CA GLN A 369 24.85 -9.33 10.16
C GLN A 369 23.73 -10.36 10.11
N VAL A 370 22.85 -10.18 9.13
CA VAL A 370 21.74 -11.10 8.96
C VAL A 370 22.24 -12.46 8.50
N ILE A 371 23.23 -12.45 7.62
CA ILE A 371 23.80 -13.68 7.08
C ILE A 371 24.71 -14.44 8.05
N LEU A 372 25.57 -13.71 8.78
CA LEU A 372 26.43 -14.37 9.75
C LEU A 372 25.52 -15.06 10.75
N ASP A 373 24.36 -14.45 10.98
CA ASP A 373 23.36 -14.99 11.90
C ASP A 373 22.80 -16.31 11.38
N ALA A 374 22.57 -16.38 10.07
CA ALA A 374 22.03 -17.59 9.46
C ALA A 374 23.10 -18.68 9.57
N ILE A 375 24.35 -18.28 9.38
CA ILE A 375 25.46 -19.22 9.47
C ILE A 375 25.55 -19.79 10.88
N SER A 376 25.43 -18.93 11.89
CA SER A 376 25.48 -19.42 13.27
C SER A 376 24.35 -20.43 13.41
N ASN A 377 23.15 -20.01 13.07
CA ASN A 377 21.98 -20.87 13.14
C ASN A 377 22.16 -22.22 12.50
N ILE A 378 22.74 -22.23 11.29
CA ILE A 378 22.95 -23.47 10.54
C ILE A 378 23.96 -24.37 11.26
N PHE A 379 25.06 -23.79 11.73
CA PHE A 379 26.06 -24.58 12.45
C PHE A 379 25.42 -25.20 13.70
N GLN A 380 24.68 -24.39 14.45
CA GLN A 380 24.01 -24.86 15.66
C GLN A 380 23.19 -26.11 15.39
N ALA A 381 22.67 -26.23 14.18
CA ALA A 381 21.87 -27.39 13.81
C ALA A 381 22.83 -28.54 13.53
N ALA A 382 23.90 -28.24 12.82
CA ALA A 382 24.91 -29.25 12.49
C ALA A 382 25.43 -29.84 13.79
N GLU A 383 25.63 -28.99 14.80
CA GLU A 383 26.13 -29.43 16.11
C GLU A 383 25.26 -30.56 16.66
N LYS A 384 23.95 -30.46 16.51
CA LYS A 384 23.07 -31.51 17.02
C LYS A 384 23.21 -32.78 16.20
N LEU A 385 23.90 -32.65 15.07
CA LEU A 385 24.15 -33.79 14.18
C LEU A 385 25.65 -34.07 14.16
N GLY A 386 26.38 -33.37 15.02
CA GLY A 386 27.82 -33.56 15.08
C GLY A 386 28.50 -33.48 13.72
N GLU A 387 27.75 -33.03 12.71
CA GLU A 387 28.29 -32.90 11.35
C GLU A 387 28.88 -31.52 11.15
N THR A 388 29.16 -30.83 12.26
CA THR A 388 29.74 -29.49 12.17
C THR A 388 30.85 -29.46 11.12
N GLU A 389 31.94 -30.15 11.41
CA GLU A 389 33.10 -30.23 10.51
C GLU A 389 32.76 -30.40 9.03
N LYS A 390 31.68 -31.11 8.73
CA LYS A 390 31.29 -31.34 7.34
C LYS A 390 30.78 -30.07 6.70
N LEU A 391 30.16 -29.20 7.49
CA LEU A 391 29.64 -27.94 6.97
C LEU A 391 30.79 -26.95 6.88
N SER A 392 31.58 -26.90 7.95
CA SER A 392 32.73 -26.03 8.03
C SER A 392 33.63 -26.16 6.82
N ILE A 393 33.42 -27.19 6.02
CA ILE A 393 34.23 -27.37 4.82
C ILE A 393 33.51 -26.77 3.63
N MET A 394 32.21 -27.01 3.56
CA MET A 394 31.41 -26.48 2.46
C MET A 394 31.57 -24.97 2.38
N ILE A 395 31.65 -24.34 3.55
CA ILE A 395 31.80 -22.90 3.66
C ILE A 395 33.20 -22.46 3.25
N GLU A 396 34.12 -23.41 3.22
CA GLU A 396 35.50 -23.12 2.82
C GLU A 396 35.47 -23.28 1.31
N GLU A 397 34.94 -24.43 0.88
CA GLU A 397 34.78 -24.78 -0.53
C GLU A 397 34.35 -23.55 -1.31
N CYS A 398 33.07 -23.22 -1.21
CA CYS A 398 32.53 -22.07 -1.91
C CYS A 398 33.48 -20.89 -1.84
N GLY A 399 34.25 -20.83 -0.76
CA GLY A 399 35.19 -19.74 -0.58
C GLY A 399 34.62 -18.77 0.43
N GLY A 400 33.93 -19.31 1.45
CA GLY A 400 33.35 -18.48 2.48
C GLY A 400 34.30 -18.32 3.65
N LEU A 401 35.11 -19.34 3.89
CA LEU A 401 36.07 -19.32 5.00
C LEU A 401 36.89 -18.04 4.92
N ASP A 402 36.99 -17.50 3.72
CA ASP A 402 37.74 -16.27 3.50
C ASP A 402 36.91 -15.09 4.00
N LYS A 403 35.76 -14.86 3.37
CA LYS A 403 34.92 -13.72 3.75
C LYS A 403 34.70 -13.64 5.28
N ILE A 404 34.50 -14.77 5.94
CA ILE A 404 34.30 -14.77 7.39
C ILE A 404 35.63 -14.49 8.10
N GLU A 405 36.71 -14.71 7.37
CA GLU A 405 38.09 -14.52 7.85
C GLU A 405 38.38 -13.03 7.78
N ALA A 406 38.14 -12.46 6.61
CA ALA A 406 38.37 -11.04 6.42
C ALA A 406 37.37 -10.27 7.28
N LEU A 407 36.22 -10.87 7.55
CA LEU A 407 35.21 -10.21 8.38
C LEU A 407 35.64 -10.11 9.86
N GLN A 408 36.79 -10.69 10.18
CA GLN A 408 37.29 -10.58 11.54
C GLN A 408 37.82 -9.15 11.62
N ARG A 409 38.74 -8.85 10.71
CA ARG A 409 39.32 -7.52 10.62
C ARG A 409 38.27 -6.63 9.95
N HIS A 410 37.19 -6.35 10.69
CA HIS A 410 36.08 -5.51 10.20
C HIS A 410 36.00 -4.24 11.04
N GLU A 411 34.86 -3.55 10.97
CA GLU A 411 34.67 -2.32 11.72
C GLU A 411 33.44 -2.29 12.65
N ASN A 412 32.31 -2.81 12.20
CA ASN A 412 31.13 -2.81 13.07
C ASN A 412 31.21 -4.01 14.03
N GLU A 413 31.32 -3.71 15.31
CA GLU A 413 31.42 -4.72 16.37
C GLU A 413 30.66 -6.02 16.06
N SER A 414 29.33 -5.99 16.19
CA SER A 414 28.49 -7.16 15.93
C SER A 414 29.05 -8.05 14.82
N VAL A 415 29.55 -7.42 13.77
CA VAL A 415 30.11 -8.17 12.66
C VAL A 415 31.33 -8.98 13.09
N TYR A 416 32.46 -8.31 13.23
CA TYR A 416 33.68 -9.03 13.59
C TYR A 416 33.57 -9.77 14.92
N LYS A 417 32.52 -9.47 15.68
CA LYS A 417 32.32 -10.21 16.92
C LYS A 417 31.83 -11.60 16.50
N ALA A 418 30.82 -11.63 15.63
CA ALA A 418 30.25 -12.89 15.15
C ALA A 418 31.22 -13.57 14.21
N SER A 419 31.88 -12.79 13.36
CA SER A 419 32.85 -13.31 12.41
C SER A 419 33.82 -14.14 13.23
N LEU A 420 34.65 -13.46 14.01
CA LEU A 420 35.65 -14.09 14.88
C LEU A 420 35.05 -15.29 15.63
N ASN A 421 33.92 -15.07 16.29
CA ASN A 421 33.29 -16.14 17.03
C ASN A 421 33.07 -17.38 16.18
N LEU A 422 32.88 -17.16 14.88
CA LEU A 422 32.67 -18.26 13.94
C LEU A 422 34.01 -18.91 13.64
N ILE A 423 35.03 -18.10 13.44
CA ILE A 423 36.35 -18.65 13.17
C ILE A 423 36.70 -19.59 14.33
N GLU A 424 37.15 -19.01 15.44
CA GLU A 424 37.52 -19.78 16.62
C GLU A 424 36.30 -20.50 17.19
N LYS A 425 35.98 -21.68 16.64
CA LYS A 425 34.85 -22.47 17.11
C LYS A 425 34.37 -23.52 16.10
N TYR A 426 34.60 -23.26 14.82
CA TYR A 426 34.20 -24.21 13.77
C TYR A 426 35.30 -24.36 12.73
N PHE A 427 36.17 -23.35 12.64
CA PHE A 427 37.24 -23.37 11.65
C PHE A 427 38.68 -23.50 12.17
N SER A 428 39.39 -22.37 12.29
CA SER A 428 40.76 -22.42 12.78
C SER A 428 40.90 -23.45 13.90
N GLY B 1 -3.29 9.24 -4.48
CA GLY B 1 -3.32 10.34 -3.44
C GLY B 1 -4.36 11.38 -3.80
N LYS B 2 -4.07 12.17 -4.82
CA LYS B 2 -4.99 13.20 -5.28
C LYS B 2 -5.11 13.12 -6.80
N ILE B 3 -6.26 13.50 -7.35
CA ILE B 3 -6.46 13.47 -8.79
C ILE B 3 -7.41 14.57 -9.23
N SER B 4 -7.04 15.27 -10.30
CA SER B 4 -7.88 16.33 -10.83
C SER B 4 -8.60 15.85 -12.07
N LYS B 5 -9.70 16.52 -12.40
CA LYS B 5 -10.55 16.22 -13.55
C LYS B 5 -10.43 17.33 -14.62
N HIS B 6 -10.60 16.98 -15.90
CA HIS B 6 -10.54 17.99 -16.97
C HIS B 6 -11.06 17.63 -18.37
N TRP B 7 -12.21 18.20 -18.72
CA TRP B 7 -12.86 17.99 -20.02
C TRP B 7 -14.08 18.89 -20.14
N THR B 8 -15.19 18.35 -20.67
CA THR B 8 -16.45 19.12 -20.83
C THR B 8 -16.22 20.55 -21.35
N GLY B 9 -17.24 21.40 -21.24
CA GLY B 9 -17.12 22.77 -21.68
C GLY B 9 -18.26 23.20 -22.57
N ILE B 10 -19.16 24.03 -22.03
CA ILE B 10 -20.30 24.52 -22.80
C ILE B 10 -20.41 26.05 -22.72
#